data_1B9B
#
_entry.id   1B9B
#
_cell.length_a   125.950
_cell.length_b   125.950
_cell.length_c   103.720
_cell.angle_alpha   90.00
_cell.angle_beta   90.00
_cell.angle_gamma   120.00
#
_symmetry.space_group_name_H-M   'P 32 2 1'
#
loop_
_entity.id
_entity.type
_entity.pdbx_description
1 polymer 'PROTEIN (TRIOSEPHOSPHATE ISOMERASE)'
2 non-polymer 'SULFATE ION'
3 water water
#
_entity_poly.entity_id   1
_entity_poly.type   'polypeptide(L)'
_entity_poly.pdbx_seq_one_letter_code
;ITRKLILAGNWKMHKTISEAKKFVSLLVNELHDVKEFEIVVCPPFTALSEVGEILSGRNIKLGAQNVFYEDQGAFTGEIS
PLMLQEIGVEYVIVGHSERRRIFKEDDEFINRKVKAVLEKGMTPILCVGETLEEREKGLTFCVVEKQVREGFYGLDKEEA
KRVVIAYEPVWAIGTGRVATPQQAQEVHAFIRKLLSEMYDEETAGSIRILYGGSIKPDNFLGLIVQKDIDGGLVGGASLK
ESFIELARIMRGVIS
;
_entity_poly.pdbx_strand_id   A,B
#
loop_
_chem_comp.id
_chem_comp.type
_chem_comp.name
_chem_comp.formula
SO4 non-polymer 'SULFATE ION' 'O4 S -2'
#
# COMPACT_ATOMS: atom_id res chain seq x y z
N THR A 2 -1.42 24.88 -18.11
CA THR A 2 -0.58 24.71 -19.33
C THR A 2 0.89 25.03 -18.98
N ARG A 3 1.76 25.11 -19.98
CA ARG A 3 3.19 25.40 -19.77
C ARG A 3 4.00 24.22 -19.24
N LYS A 4 4.40 23.33 -20.14
CA LYS A 4 5.19 22.14 -19.83
C LYS A 4 4.31 20.91 -19.67
N LEU A 5 3.97 20.32 -20.81
CA LEU A 5 3.11 19.15 -20.85
C LEU A 5 3.74 17.99 -20.07
N ILE A 6 2.92 16.99 -19.78
CA ILE A 6 3.37 15.82 -19.04
C ILE A 6 2.80 14.51 -19.60
N LEU A 7 3.69 13.54 -19.79
CA LEU A 7 3.30 12.22 -20.25
C LEU A 7 3.59 11.35 -19.03
N ALA A 8 2.53 10.99 -18.30
CA ALA A 8 2.69 10.18 -17.11
C ALA A 8 2.12 8.79 -17.26
N GLY A 9 2.93 7.78 -16.92
CA GLY A 9 2.49 6.41 -17.01
C GLY A 9 2.17 5.80 -15.67
N ASN A 10 0.96 5.26 -15.54
CA ASN A 10 0.56 4.61 -14.30
C ASN A 10 0.49 3.11 -14.56
N TRP A 11 1.54 2.42 -14.14
CA TRP A 11 1.63 0.97 -14.33
C TRP A 11 0.51 0.23 -13.60
N LYS A 12 0.10 0.78 -12.46
CA LYS A 12 -0.92 0.19 -11.59
C LYS A 12 -0.32 -1.04 -10.93
N MET A 13 -1.08 -2.11 -10.75
CA MET A 13 -0.51 -3.28 -10.12
C MET A 13 0.03 -4.21 -11.19
N HIS A 14 1.22 -3.90 -11.72
CA HIS A 14 1.77 -4.72 -12.80
C HIS A 14 3.18 -5.24 -12.91
N LYS A 15 4.20 -4.62 -12.33
CA LYS A 15 5.51 -5.23 -12.58
C LYS A 15 6.41 -5.71 -11.43
N THR A 16 7.20 -6.74 -11.73
CA THR A 16 8.15 -7.32 -10.79
C THR A 16 9.46 -6.52 -10.89
N ILE A 17 10.18 -6.38 -9.78
CA ILE A 17 11.43 -5.64 -9.79
C ILE A 17 12.35 -6.04 -10.94
N SER A 18 12.32 -7.32 -11.30
CA SER A 18 13.12 -7.81 -12.40
C SER A 18 12.70 -7.09 -13.70
N GLU A 19 11.44 -7.22 -14.07
CA GLU A 19 10.89 -6.60 -15.28
C GLU A 19 11.03 -5.08 -15.33
N ALA A 20 10.79 -4.43 -14.20
CA ALA A 20 10.87 -2.98 -14.11
C ALA A 20 12.24 -2.52 -14.58
N LYS A 21 13.29 -3.05 -13.97
CA LYS A 21 14.66 -2.69 -14.31
C LYS A 21 14.94 -2.75 -15.80
N LYS A 22 14.50 -3.83 -16.45
CA LYS A 22 14.71 -3.94 -17.88
C LYS A 22 13.92 -2.84 -18.58
N PHE A 23 12.60 -2.92 -18.47
CA PHE A 23 11.69 -1.96 -19.09
C PHE A 23 12.05 -0.49 -18.90
N VAL A 24 12.26 -0.07 -17.67
CA VAL A 24 12.63 1.32 -17.44
C VAL A 24 13.84 1.64 -18.31
N SER A 25 14.89 0.84 -18.21
CA SER A 25 16.09 1.04 -19.00
C SER A 25 15.75 1.21 -20.48
N LEU A 26 14.90 0.33 -21.01
CA LEU A 26 14.50 0.47 -22.41
C LEU A 26 14.04 1.91 -22.67
N LEU A 27 13.15 2.42 -21.82
CA LEU A 27 12.65 3.79 -21.95
C LEU A 27 13.77 4.79 -21.85
N VAL A 28 14.52 4.75 -20.75
CA VAL A 28 15.64 5.68 -20.57
C VAL A 28 16.61 5.67 -21.76
N ASN A 29 16.66 4.59 -22.51
CA ASN A 29 17.55 4.51 -23.65
C ASN A 29 16.90 5.19 -24.85
N GLU A 30 15.63 4.87 -25.09
CA GLU A 30 14.89 5.45 -26.20
C GLU A 30 14.46 6.89 -26.02
N LEU A 31 14.53 7.42 -24.80
CA LEU A 31 14.09 8.78 -24.55
C LEU A 31 15.06 9.64 -23.74
N HIS A 32 16.36 9.34 -23.81
CA HIS A 32 17.33 10.14 -23.08
C HIS A 32 17.28 11.59 -23.58
N ASP A 33 16.70 11.77 -24.76
CA ASP A 33 16.55 13.07 -25.40
C ASP A 33 15.08 13.48 -25.36
N VAL A 34 14.71 14.36 -24.44
CA VAL A 34 13.33 14.80 -24.37
C VAL A 34 13.16 16.30 -24.47
N LYS A 35 12.46 16.70 -25.54
CA LYS A 35 12.17 18.09 -25.84
C LYS A 35 11.33 18.72 -24.76
N GLU A 36 11.93 18.90 -23.59
CA GLU A 36 11.29 19.53 -22.44
C GLU A 36 9.97 18.97 -21.90
N PHE A 37 9.08 18.45 -22.74
CA PHE A 37 7.83 17.91 -22.18
C PHE A 37 8.24 16.78 -21.26
N GLU A 38 7.79 16.85 -20.01
CA GLU A 38 8.14 15.87 -18.98
C GLU A 38 7.61 14.46 -19.16
N ILE A 39 8.39 13.48 -18.67
CA ILE A 39 7.99 12.08 -18.76
C ILE A 39 8.11 11.42 -17.40
N VAL A 40 6.97 11.06 -16.82
CA VAL A 40 6.95 10.42 -15.51
C VAL A 40 6.53 8.96 -15.58
N VAL A 41 7.17 8.12 -14.76
CA VAL A 41 6.84 6.71 -14.74
C VAL A 41 6.48 6.34 -13.30
N CYS A 42 5.36 5.65 -13.12
CA CYS A 42 4.88 5.27 -11.78
C CYS A 42 4.84 3.79 -11.46
N PRO A 43 5.96 3.23 -10.98
CA PRO A 43 5.99 1.80 -10.65
C PRO A 43 5.44 1.56 -9.24
N PRO A 44 5.13 0.30 -8.91
CA PRO A 44 4.61 0.00 -7.57
C PRO A 44 5.67 0.19 -6.49
N PHE A 45 5.24 0.40 -5.24
CA PHE A 45 6.17 0.63 -4.15
C PHE A 45 7.36 -0.31 -4.11
N THR A 46 7.10 -1.61 -4.26
CA THR A 46 8.18 -2.58 -4.21
C THR A 46 9.39 -2.24 -5.10
N ALA A 47 9.13 -1.82 -6.33
CA ALA A 47 10.20 -1.50 -7.28
C ALA A 47 10.68 -0.05 -7.32
N LEU A 48 10.21 0.79 -6.40
CA LEU A 48 10.63 2.18 -6.42
C LEU A 48 12.11 2.44 -6.32
N SER A 49 12.76 1.96 -5.26
CA SER A 49 14.19 2.22 -5.12
C SER A 49 15.03 1.66 -6.27
N GLU A 50 14.72 0.46 -6.73
CA GLU A 50 15.50 -0.12 -7.82
C GLU A 50 15.37 0.71 -9.08
N VAL A 51 14.18 1.27 -9.30
CA VAL A 51 13.94 2.09 -10.49
C VAL A 51 14.56 3.46 -10.25
N GLY A 52 14.60 3.87 -8.99
CA GLY A 52 15.19 5.15 -8.65
C GLY A 52 16.59 5.26 -9.21
N GLU A 53 17.39 4.20 -9.03
CA GLU A 53 18.76 4.19 -9.53
C GLU A 53 18.80 4.42 -11.04
N ILE A 54 18.26 3.47 -11.78
CA ILE A 54 18.23 3.55 -13.23
C ILE A 54 17.81 4.95 -13.73
N LEU A 55 17.06 5.68 -12.91
CA LEU A 55 16.59 7.01 -13.29
C LEU A 55 17.43 8.17 -12.74
N SER A 56 18.06 7.97 -11.58
CA SER A 56 18.87 9.00 -10.95
C SER A 56 19.77 9.69 -11.96
N GLY A 57 19.63 11.00 -12.06
CA GLY A 57 20.43 11.77 -12.99
C GLY A 57 19.88 11.77 -14.41
N ARG A 58 18.92 10.90 -14.69
CA ARG A 58 18.35 10.84 -16.02
C ARG A 58 17.17 11.80 -16.15
N ASN A 59 16.66 11.95 -17.36
CA ASN A 59 15.55 12.86 -17.62
C ASN A 59 14.20 12.37 -17.10
N ILE A 60 13.86 11.12 -17.41
CA ILE A 60 12.61 10.54 -16.96
C ILE A 60 12.55 10.62 -15.43
N LYS A 61 11.39 11.02 -14.90
CA LYS A 61 11.22 11.17 -13.46
C LYS A 61 10.37 10.11 -12.78
N LEU A 62 10.68 9.85 -11.50
CA LEU A 62 9.99 8.84 -10.71
C LEU A 62 8.67 9.26 -10.10
N GLY A 63 7.67 8.40 -10.29
CA GLY A 63 6.35 8.65 -9.73
C GLY A 63 5.83 7.47 -8.93
N ALA A 64 5.01 7.76 -7.91
CA ALA A 64 4.41 6.74 -7.05
C ALA A 64 2.88 6.72 -7.25
N GLN A 65 2.24 5.61 -6.93
CA GLN A 65 0.80 5.47 -7.12
C GLN A 65 -0.13 5.89 -5.99
N ASN A 66 0.42 6.08 -4.79
CA ASN A 66 -0.39 6.47 -3.63
C ASN A 66 0.55 6.84 -2.49
N VAL A 67 -0.01 7.46 -1.46
CA VAL A 67 0.76 7.85 -0.28
C VAL A 67 -0.20 8.15 0.86
N PHE A 68 0.29 8.07 2.09
CA PHE A 68 -0.56 8.40 3.24
C PHE A 68 -0.18 9.82 3.60
N TYR A 69 -0.99 10.47 4.43
CA TYR A 69 -0.74 11.85 4.80
C TYR A 69 0.01 12.06 6.11
N GLU A 70 0.73 11.05 6.57
CA GLU A 70 1.49 11.19 7.81
C GLU A 70 2.93 10.79 7.58
N ASP A 71 3.85 11.50 8.24
CA ASP A 71 5.25 11.19 8.06
C ASP A 71 5.58 9.85 8.66
N GLN A 72 4.83 9.46 9.68
CA GLN A 72 5.04 8.18 10.33
C GLN A 72 3.96 7.90 11.36
N GLY A 73 3.85 6.63 11.74
CA GLY A 73 2.85 6.25 12.72
C GLY A 73 2.39 4.83 12.56
N ALA A 74 1.42 4.44 13.40
CA ALA A 74 0.87 3.10 13.36
C ALA A 74 -0.25 3.01 12.33
N PHE A 75 0.16 2.78 11.08
CA PHE A 75 -0.75 2.63 9.96
C PHE A 75 -0.15 1.51 9.13
N THR A 76 -0.31 0.30 9.64
CA THR A 76 0.21 -0.90 9.01
C THR A 76 -0.14 -0.96 7.53
N GLY A 77 0.86 -1.23 6.69
CA GLY A 77 0.61 -1.33 5.27
C GLY A 77 0.77 -0.07 4.41
N GLU A 78 0.71 1.10 5.04
CA GLU A 78 0.83 2.37 4.33
C GLU A 78 2.25 2.89 4.15
N ILE A 79 2.43 3.76 3.15
CA ILE A 79 3.74 4.36 2.86
C ILE A 79 3.66 5.86 3.12
N SER A 80 4.67 6.39 3.80
CA SER A 80 4.72 7.82 4.13
C SER A 80 5.37 8.67 3.05
N PRO A 81 5.16 9.99 3.10
CA PRO A 81 5.74 10.91 2.12
C PRO A 81 7.26 10.82 2.22
N LEU A 82 7.76 10.71 3.45
CA LEU A 82 9.20 10.60 3.69
C LEU A 82 9.81 9.48 2.89
N MET A 83 9.21 8.30 2.99
CA MET A 83 9.71 7.13 2.28
C MET A 83 9.79 7.33 0.78
N LEU A 84 8.84 8.10 0.24
CA LEU A 84 8.81 8.36 -1.21
C LEU A 84 9.90 9.36 -1.58
N GLN A 85 10.02 10.41 -0.76
CA GLN A 85 11.01 11.46 -0.97
C GLN A 85 12.43 10.89 -1.00
N GLU A 86 12.80 10.21 0.08
CA GLU A 86 14.13 9.61 0.18
C GLU A 86 14.48 8.80 -1.07
N ILE A 87 13.49 8.34 -1.82
CA ILE A 87 13.79 7.57 -3.02
C ILE A 87 13.87 8.48 -4.24
N GLY A 88 13.49 9.74 -4.06
CA GLY A 88 13.55 10.68 -5.16
C GLY A 88 12.31 10.67 -6.04
N VAL A 89 11.16 10.40 -5.44
CA VAL A 89 9.91 10.39 -6.19
C VAL A 89 9.48 11.84 -6.29
N GLU A 90 9.20 12.31 -7.51
CA GLU A 90 8.78 13.69 -7.70
C GLU A 90 7.25 13.83 -7.77
N TYR A 91 6.60 12.87 -8.42
CA TYR A 91 5.14 12.90 -8.54
C TYR A 91 4.47 11.78 -7.73
N VAL A 92 3.23 12.05 -7.34
CA VAL A 92 2.44 11.12 -6.57
C VAL A 92 1.00 11.22 -7.02
N ILE A 93 0.41 10.10 -7.44
CA ILE A 93 -0.97 10.11 -7.89
C ILE A 93 -1.88 10.02 -6.67
N VAL A 94 -2.86 10.91 -6.58
CA VAL A 94 -3.80 10.88 -5.46
C VAL A 94 -5.22 11.01 -5.99
N GLY A 95 -6.15 10.27 -5.38
CA GLY A 95 -7.53 10.32 -5.80
C GLY A 95 -7.85 9.52 -7.05
N HIS A 96 -7.03 8.54 -7.38
CA HIS A 96 -7.33 7.76 -8.57
C HIS A 96 -8.65 7.04 -8.35
N SER A 97 -9.48 7.05 -9.39
CA SER A 97 -10.80 6.42 -9.38
C SER A 97 -10.81 5.06 -8.68
N GLU A 98 -9.80 4.24 -8.96
CA GLU A 98 -9.71 2.93 -8.35
C GLU A 98 -9.66 3.06 -6.83
N ARG A 99 -8.88 4.01 -6.33
CA ARG A 99 -8.75 4.22 -4.88
C ARG A 99 -10.07 4.76 -4.29
N ARG A 100 -10.68 5.70 -4.98
CA ARG A 100 -11.93 6.28 -4.50
C ARG A 100 -13.00 5.20 -4.40
N ARG A 101 -13.18 4.47 -5.51
CA ARG A 101 -14.21 3.45 -5.59
C ARG A 101 -13.95 2.11 -4.91
N ILE A 102 -12.86 1.43 -5.26
CA ILE A 102 -12.59 0.14 -4.62
C ILE A 102 -12.15 0.28 -3.17
N PHE A 103 -11.29 1.25 -2.88
CA PHE A 103 -10.78 1.42 -1.53
C PHE A 103 -11.44 2.50 -0.68
N LYS A 104 -12.58 2.97 -1.16
CA LYS A 104 -13.37 3.94 -0.43
C LYS A 104 -12.64 5.14 0.16
N GLU A 105 -11.78 5.79 -0.62
CA GLU A 105 -11.11 6.96 -0.12
C GLU A 105 -12.02 8.14 -0.45
N ASP A 106 -12.36 8.94 0.56
CA ASP A 106 -13.23 10.10 0.37
C ASP A 106 -12.46 11.39 0.14
N ASP A 107 -13.16 12.43 -0.30
CA ASP A 107 -12.52 13.71 -0.56
C ASP A 107 -11.62 14.26 0.54
N GLU A 108 -12.06 14.20 1.80
CA GLU A 108 -11.22 14.71 2.89
C GLU A 108 -9.90 13.96 2.90
N PHE A 109 -10.00 12.63 2.95
CA PHE A 109 -8.83 11.76 2.92
C PHE A 109 -7.90 12.24 1.80
N ILE A 110 -8.47 12.36 0.60
CA ILE A 110 -7.75 12.81 -0.59
C ILE A 110 -7.09 14.18 -0.37
N ASN A 111 -7.88 15.13 0.10
CA ASN A 111 -7.38 16.48 0.34
C ASN A 111 -6.21 16.53 1.30
N ARG A 112 -6.27 15.72 2.35
CA ARG A 112 -5.19 15.67 3.34
C ARG A 112 -3.93 15.08 2.71
N LYS A 113 -4.09 14.35 1.61
CA LYS A 113 -2.95 13.76 0.92
C LYS A 113 -2.31 14.78 -0.01
N VAL A 114 -3.14 15.65 -0.60
CA VAL A 114 -2.63 16.66 -1.51
C VAL A 114 -1.60 17.52 -0.79
N LYS A 115 -1.96 18.02 0.39
CA LYS A 115 -1.08 18.86 1.17
C LYS A 115 0.19 18.07 1.50
N ALA A 116 0.03 16.94 2.17
CA ALA A 116 1.17 16.13 2.54
C ALA A 116 2.18 15.96 1.40
N VAL A 117 1.70 15.74 0.18
CA VAL A 117 2.60 15.58 -0.96
C VAL A 117 3.34 16.88 -1.27
N LEU A 118 2.65 18.01 -1.11
CA LEU A 118 3.24 19.32 -1.36
C LEU A 118 4.23 19.71 -0.26
N GLU A 119 3.93 19.35 0.98
CA GLU A 119 4.81 19.65 2.12
C GLU A 119 6.23 19.22 1.81
N LYS A 120 6.40 17.97 1.39
CA LYS A 120 7.73 17.46 1.06
C LYS A 120 8.13 17.88 -0.35
N GLY A 121 7.55 18.98 -0.80
CA GLY A 121 7.84 19.53 -2.11
C GLY A 121 7.74 18.64 -3.30
N MET A 122 6.72 17.77 -3.32
CA MET A 122 6.51 16.88 -4.45
C MET A 122 5.27 17.35 -5.17
N THR A 123 5.07 16.88 -6.39
CA THR A 123 3.90 17.28 -7.17
C THR A 123 2.77 16.25 -7.13
N PRO A 124 1.62 16.65 -6.57
CA PRO A 124 0.50 15.70 -6.50
C PRO A 124 -0.31 15.72 -7.79
N ILE A 125 -0.75 14.55 -8.23
CA ILE A 125 -1.58 14.44 -9.43
C ILE A 125 -2.97 14.05 -8.95
N LEU A 126 -3.82 15.05 -8.81
CA LEU A 126 -5.19 14.90 -8.34
C LEU A 126 -6.07 14.36 -9.45
N CYS A 127 -6.74 13.25 -9.21
CA CYS A 127 -7.62 12.64 -10.22
C CYS A 127 -9.08 13.00 -9.97
N VAL A 128 -9.80 13.29 -11.05
CA VAL A 128 -11.21 13.64 -10.98
C VAL A 128 -11.91 13.02 -12.18
N GLY A 129 -13.22 12.81 -12.09
CA GLY A 129 -13.94 12.24 -13.20
C GLY A 129 -15.30 11.71 -12.77
N GLU A 130 -16.28 11.79 -13.67
CA GLU A 130 -17.63 11.33 -13.38
C GLU A 130 -17.86 9.90 -13.86
N THR A 131 -18.89 9.24 -13.31
CA THR A 131 -19.21 7.88 -13.73
C THR A 131 -20.25 8.04 -14.84
N LEU A 132 -20.46 7.00 -15.63
CA LEU A 132 -21.42 7.08 -16.73
C LEU A 132 -22.78 7.58 -16.25
N GLU A 133 -23.24 6.97 -15.17
CA GLU A 133 -24.52 7.32 -14.58
C GLU A 133 -24.55 8.81 -14.24
N GLU A 134 -23.48 9.32 -13.63
CA GLU A 134 -23.40 10.73 -13.26
C GLU A 134 -23.44 11.59 -14.51
N ARG A 135 -22.69 11.18 -15.53
CA ARG A 135 -22.69 11.92 -16.77
C ARG A 135 -24.09 11.99 -17.39
N GLU A 136 -24.84 10.89 -17.33
CA GLU A 136 -26.17 10.88 -17.91
C GLU A 136 -27.17 11.74 -17.16
N LYS A 137 -27.04 11.82 -15.84
CA LYS A 137 -27.95 12.63 -15.04
C LYS A 137 -27.65 14.14 -15.21
N GLY A 138 -26.53 14.43 -15.87
CA GLY A 138 -26.13 15.80 -16.10
C GLY A 138 -25.27 16.36 -14.98
N LEU A 139 -24.60 15.47 -14.26
CA LEU A 139 -23.77 15.88 -13.13
C LEU A 139 -22.29 15.92 -13.40
N THR A 140 -21.92 15.77 -14.66
CA THR A 140 -20.50 15.78 -15.02
C THR A 140 -19.72 16.93 -14.40
N PHE A 141 -20.23 18.16 -14.55
CA PHE A 141 -19.54 19.34 -14.05
C PHE A 141 -19.54 19.51 -12.54
N CYS A 142 -20.69 19.32 -11.93
CA CYS A 142 -20.74 19.47 -10.48
C CYS A 142 -19.90 18.39 -9.80
N VAL A 143 -19.78 17.23 -10.45
CA VAL A 143 -18.97 16.16 -9.87
C VAL A 143 -17.51 16.56 -9.94
N VAL A 144 -17.08 17.06 -11.09
CA VAL A 144 -15.69 17.48 -11.24
C VAL A 144 -15.41 18.68 -10.33
N GLU A 145 -16.39 19.58 -10.25
CA GLU A 145 -16.27 20.77 -9.43
C GLU A 145 -16.12 20.43 -7.96
N LYS A 146 -16.92 19.49 -7.47
CA LYS A 146 -16.83 19.12 -6.07
C LYS A 146 -15.47 18.54 -5.75
N GLN A 147 -15.01 17.61 -6.59
CA GLN A 147 -13.72 16.97 -6.38
C GLN A 147 -12.58 17.97 -6.37
N VAL A 148 -12.60 18.88 -7.36
CA VAL A 148 -11.56 19.90 -7.48
C VAL A 148 -11.57 20.84 -6.28
N ARG A 149 -12.75 21.35 -5.93
CA ARG A 149 -12.86 22.24 -4.78
C ARG A 149 -12.40 21.55 -3.50
N GLU A 150 -12.83 20.30 -3.33
CA GLU A 150 -12.45 19.55 -2.15
C GLU A 150 -10.95 19.29 -2.17
N GLY A 151 -10.42 19.10 -3.37
CA GLY A 151 -9.01 18.82 -3.52
C GLY A 151 -8.13 20.00 -3.18
N PHE A 152 -8.51 21.19 -3.63
CA PHE A 152 -7.71 22.38 -3.37
C PHE A 152 -8.02 23.10 -2.07
N TYR A 153 -9.15 22.77 -1.44
CA TYR A 153 -9.52 23.44 -0.20
C TYR A 153 -8.36 23.63 0.76
N GLY A 154 -8.08 24.88 1.10
CA GLY A 154 -7.00 25.17 2.04
C GLY A 154 -5.64 25.41 1.39
N LEU A 155 -5.60 25.44 0.06
CA LEU A 155 -4.35 25.69 -0.63
C LEU A 155 -4.33 27.14 -1.07
N ASP A 156 -3.16 27.76 -0.97
CA ASP A 156 -3.03 29.15 -1.39
C ASP A 156 -2.56 29.20 -2.82
N LYS A 157 -2.82 30.34 -3.47
CA LYS A 157 -2.43 30.57 -4.85
C LYS A 157 -1.08 29.94 -5.21
N GLU A 158 -0.14 29.99 -4.28
CA GLU A 158 1.20 29.46 -4.54
C GLU A 158 1.36 27.95 -4.54
N GLU A 159 0.60 27.27 -3.69
CA GLU A 159 0.65 25.82 -3.61
C GLU A 159 -0.20 25.28 -4.76
N ALA A 160 -1.39 25.84 -4.90
CA ALA A 160 -2.30 25.44 -5.95
C ALA A 160 -1.63 25.45 -7.31
N LYS A 161 -0.65 26.33 -7.49
CA LYS A 161 0.06 26.41 -8.76
C LYS A 161 0.84 25.13 -9.06
N ARG A 162 1.30 24.50 -7.98
CA ARG A 162 2.09 23.27 -8.08
C ARG A 162 1.27 22.00 -8.39
N VAL A 163 0.01 22.00 -7.94
CA VAL A 163 -0.87 20.86 -8.15
C VAL A 163 -1.11 20.52 -9.62
N VAL A 164 -1.19 19.22 -9.91
CA VAL A 164 -1.49 18.76 -11.26
C VAL A 164 -2.85 18.06 -11.20
N ILE A 165 -3.68 18.29 -12.21
CA ILE A 165 -5.01 17.68 -12.27
C ILE A 165 -5.07 16.67 -13.40
N ALA A 166 -5.77 15.57 -13.17
CA ALA A 166 -5.90 14.54 -14.17
C ALA A 166 -7.36 14.12 -14.24
N TYR A 167 -7.99 14.41 -15.38
CA TYR A 167 -9.38 14.06 -15.59
C TYR A 167 -9.52 12.67 -16.22
N GLU A 168 -9.87 11.68 -15.43
CA GLU A 168 -10.08 10.35 -15.94
C GLU A 168 -11.54 10.02 -15.83
N PRO A 169 -12.30 10.23 -16.91
CA PRO A 169 -13.73 9.92 -16.84
C PRO A 169 -13.89 8.43 -16.52
N VAL A 170 -14.40 8.11 -15.33
CA VAL A 170 -14.57 6.73 -14.92
C VAL A 170 -15.17 5.85 -16.01
N TRP A 171 -16.14 6.36 -16.76
CA TRP A 171 -16.74 5.57 -17.83
C TRP A 171 -15.77 5.23 -18.98
N ALA A 172 -14.54 5.69 -18.85
CA ALA A 172 -13.53 5.46 -19.88
C ALA A 172 -12.25 4.85 -19.36
N ILE A 173 -12.25 4.39 -18.11
CA ILE A 173 -11.06 3.78 -17.54
C ILE A 173 -11.08 2.29 -17.85
N GLY A 174 -10.11 1.84 -18.64
CA GLY A 174 -10.00 0.44 -19.00
C GLY A 174 -11.14 -0.10 -19.82
N THR A 175 -12.18 0.70 -20.04
CA THR A 175 -13.32 0.25 -20.83
C THR A 175 -12.97 0.32 -22.32
N GLY A 176 -11.84 0.95 -22.61
CA GLY A 176 -11.41 1.10 -23.99
C GLY A 176 -12.17 2.18 -24.72
N ARG A 177 -13.20 2.74 -24.08
CA ARG A 177 -14.02 3.79 -24.68
C ARG A 177 -13.48 5.17 -24.31
N VAL A 178 -12.65 5.74 -25.18
CA VAL A 178 -12.08 7.05 -24.94
C VAL A 178 -13.11 8.13 -25.23
N ALA A 179 -12.95 9.27 -24.57
CA ALA A 179 -13.86 10.37 -24.80
C ALA A 179 -13.33 11.06 -26.03
N THR A 180 -14.21 11.57 -26.89
CA THR A 180 -13.73 12.26 -28.08
C THR A 180 -12.97 13.48 -27.58
N PRO A 181 -12.07 14.03 -28.39
CA PRO A 181 -11.32 15.21 -27.95
C PRO A 181 -12.24 16.37 -27.60
N GLN A 182 -13.41 16.38 -28.24
CA GLN A 182 -14.40 17.41 -28.00
C GLN A 182 -14.91 17.28 -26.57
N GLN A 183 -15.24 16.05 -26.16
CA GLN A 183 -15.73 15.83 -24.81
C GLN A 183 -14.64 16.08 -23.79
N ALA A 184 -13.42 15.68 -24.11
CA ALA A 184 -12.31 15.87 -23.18
C ALA A 184 -12.06 17.36 -22.93
N GLN A 185 -11.91 18.11 -24.01
CA GLN A 185 -11.65 19.54 -23.95
C GLN A 185 -12.73 20.30 -23.18
N GLU A 186 -13.99 19.97 -23.42
CA GLU A 186 -15.10 20.62 -22.75
C GLU A 186 -14.97 20.59 -21.23
N VAL A 187 -14.55 19.44 -20.70
CA VAL A 187 -14.40 19.30 -19.27
C VAL A 187 -13.10 19.99 -18.82
N HIS A 188 -12.04 19.78 -19.60
CA HIS A 188 -10.75 20.39 -19.28
C HIS A 188 -10.89 21.90 -19.19
N ALA A 189 -11.59 22.47 -20.18
CA ALA A 189 -11.85 23.90 -20.25
C ALA A 189 -12.58 24.31 -18.99
N PHE A 190 -13.66 23.60 -18.70
CA PHE A 190 -14.47 23.87 -17.52
C PHE A 190 -13.60 23.90 -16.29
N ILE A 191 -12.74 22.90 -16.14
CA ILE A 191 -11.87 22.87 -14.97
C ILE A 191 -11.00 24.12 -14.93
N ARG A 192 -10.53 24.56 -16.09
CA ARG A 192 -9.66 25.72 -16.13
C ARG A 192 -10.39 26.98 -15.70
N LYS A 193 -11.61 27.17 -16.21
CA LYS A 193 -12.39 28.34 -15.84
C LYS A 193 -12.61 28.31 -14.33
N LEU A 194 -13.10 27.18 -13.82
CA LEU A 194 -13.34 27.00 -12.40
C LEU A 194 -12.07 27.30 -11.62
N LEU A 195 -10.95 26.74 -12.06
CA LEU A 195 -9.67 26.95 -11.39
C LEU A 195 -9.37 28.43 -11.19
N SER A 196 -9.69 29.24 -12.20
CA SER A 196 -9.43 30.68 -12.12
C SER A 196 -10.40 31.37 -11.16
N GLU A 197 -11.66 30.95 -11.18
CA GLU A 197 -12.67 31.52 -10.29
C GLU A 197 -12.34 31.27 -8.84
N MET A 198 -11.53 30.24 -8.57
CA MET A 198 -11.16 29.93 -7.21
C MET A 198 -9.92 30.74 -6.86
N TYR A 199 -9.13 31.07 -7.88
CA TYR A 199 -7.89 31.84 -7.69
C TYR A 199 -7.81 33.03 -8.64
N ASP A 200 -7.14 32.85 -9.77
CA ASP A 200 -7.01 33.91 -10.76
C ASP A 200 -6.55 33.35 -12.09
N GLU A 201 -6.71 34.12 -13.16
CA GLU A 201 -6.31 33.66 -14.48
C GLU A 201 -4.87 33.16 -14.51
N GLU A 202 -4.03 33.69 -13.63
CA GLU A 202 -2.63 33.29 -13.57
C GLU A 202 -2.46 31.86 -13.10
N THR A 203 -2.97 31.55 -11.92
CA THR A 203 -2.88 30.20 -11.37
C THR A 203 -3.53 29.20 -12.34
N ALA A 204 -4.72 29.53 -12.79
CA ALA A 204 -5.44 28.67 -13.72
C ALA A 204 -4.61 28.27 -14.94
N GLY A 205 -3.76 29.19 -15.40
CA GLY A 205 -2.95 28.89 -16.57
C GLY A 205 -1.70 28.13 -16.20
N SER A 206 -1.33 28.19 -14.92
CA SER A 206 -0.14 27.51 -14.40
C SER A 206 -0.40 26.04 -14.19
N ILE A 207 -1.56 25.74 -13.62
CA ILE A 207 -1.97 24.38 -13.35
C ILE A 207 -2.12 23.58 -14.64
N ARG A 208 -1.53 22.40 -14.64
CA ARG A 208 -1.58 21.52 -15.79
C ARG A 208 -2.70 20.51 -15.58
N ILE A 209 -3.51 20.30 -16.62
CA ILE A 209 -4.62 19.37 -16.55
C ILE A 209 -4.45 18.34 -17.65
N LEU A 210 -4.20 17.09 -17.29
CA LEU A 210 -4.03 16.06 -18.31
C LEU A 210 -5.20 15.13 -18.42
N TYR A 211 -5.35 14.53 -19.59
CA TYR A 211 -6.42 13.60 -19.84
C TYR A 211 -5.94 12.21 -19.48
N GLY A 212 -6.87 11.39 -19.02
CA GLY A 212 -6.53 10.03 -18.66
C GLY A 212 -7.72 9.16 -18.99
N GLY A 213 -7.45 7.95 -19.49
CA GLY A 213 -8.54 7.05 -19.77
C GLY A 213 -8.56 6.53 -21.19
N SER A 214 -7.99 5.34 -21.39
CA SER A 214 -7.92 4.68 -22.69
C SER A 214 -7.04 5.44 -23.68
N ILE A 215 -5.95 5.99 -23.17
CA ILE A 215 -5.01 6.71 -24.01
C ILE A 215 -4.20 5.71 -24.84
N LYS A 216 -4.57 5.52 -26.09
CA LYS A 216 -3.82 4.61 -26.96
C LYS A 216 -3.01 5.43 -27.97
N PRO A 217 -2.02 4.82 -28.63
CA PRO A 217 -1.23 5.57 -29.60
C PRO A 217 -2.06 6.08 -30.78
N ASP A 218 -3.07 5.32 -31.18
CA ASP A 218 -3.91 5.75 -32.28
C ASP A 218 -5.07 6.64 -31.87
N ASN A 219 -4.82 7.56 -30.95
CA ASN A 219 -5.85 8.49 -30.49
C ASN A 219 -5.26 9.56 -29.58
N PHE A 220 -3.98 9.45 -29.28
CA PHE A 220 -3.35 10.42 -28.41
C PHE A 220 -3.29 11.74 -29.14
N LEU A 221 -2.91 11.70 -30.42
CA LEU A 221 -2.86 12.91 -31.24
C LEU A 221 -4.32 13.26 -31.44
N GLY A 222 -4.72 14.44 -31.02
CA GLY A 222 -6.12 14.79 -31.17
C GLY A 222 -6.60 15.08 -29.78
N LEU A 223 -5.84 14.61 -28.81
CA LEU A 223 -6.16 14.85 -27.43
C LEU A 223 -5.17 15.87 -26.91
N ILE A 224 -3.90 15.69 -27.25
CA ILE A 224 -2.85 16.62 -26.82
C ILE A 224 -2.95 17.88 -27.66
N VAL A 225 -3.55 17.73 -28.84
CA VAL A 225 -3.73 18.84 -29.76
C VAL A 225 -4.72 19.88 -29.18
N GLN A 226 -5.78 19.39 -28.53
CA GLN A 226 -6.77 20.27 -27.91
C GLN A 226 -6.12 21.30 -27.00
N LYS A 227 -6.72 22.48 -26.97
CA LYS A 227 -6.23 23.63 -26.19
C LYS A 227 -5.88 23.38 -24.71
N ASP A 228 -6.85 22.94 -23.93
CA ASP A 228 -6.60 22.73 -22.50
C ASP A 228 -6.16 21.37 -21.98
N ILE A 229 -5.75 20.48 -22.87
CA ILE A 229 -5.27 19.17 -22.44
C ILE A 229 -3.75 19.22 -22.46
N ASP A 230 -3.15 19.25 -21.26
CA ASP A 230 -1.70 19.35 -21.13
C ASP A 230 -0.91 18.04 -21.05
N GLY A 231 -1.43 16.98 -21.65
CA GLY A 231 -0.72 15.71 -21.60
C GLY A 231 -1.67 14.61 -21.18
N GLY A 232 -1.14 13.44 -20.84
CA GLY A 232 -1.99 12.33 -20.45
C GLY A 232 -1.50 11.47 -19.29
N LEU A 233 -2.44 10.76 -18.67
CA LEU A 233 -2.13 9.85 -17.58
C LEU A 233 -2.39 8.52 -18.24
N VAL A 234 -1.33 7.87 -18.69
CA VAL A 234 -1.48 6.62 -19.38
C VAL A 234 -1.62 5.41 -18.46
N GLY A 235 -2.60 4.57 -18.78
CA GLY A 235 -2.84 3.38 -18.00
C GLY A 235 -2.18 2.18 -18.64
N GLY A 236 -2.96 1.39 -19.37
CA GLY A 236 -2.43 0.21 -20.00
C GLY A 236 -1.23 0.50 -20.88
N ALA A 237 -1.42 1.39 -21.84
CA ALA A 237 -0.38 1.75 -22.79
C ALA A 237 0.98 2.04 -22.15
N SER A 238 1.00 2.36 -20.86
CA SER A 238 2.27 2.68 -20.21
C SER A 238 3.10 1.46 -19.86
N LEU A 239 2.51 0.28 -19.99
CA LEU A 239 3.19 -0.96 -19.63
C LEU A 239 4.07 -1.52 -20.74
N LYS A 240 3.61 -1.39 -21.98
CA LYS A 240 4.36 -1.87 -23.14
C LYS A 240 5.31 -0.80 -23.65
N GLU A 241 5.70 -0.94 -24.92
CA GLU A 241 6.60 0.00 -25.57
C GLU A 241 5.78 1.08 -26.23
N SER A 242 4.47 0.89 -26.22
CA SER A 242 3.52 1.83 -26.79
C SER A 242 3.66 3.14 -26.04
N PHE A 243 4.37 3.10 -24.93
CA PHE A 243 4.58 4.29 -24.11
C PHE A 243 5.61 5.16 -24.80
N ILE A 244 6.35 4.56 -25.73
CA ILE A 244 7.38 5.30 -26.45
C ILE A 244 6.75 5.99 -27.67
N GLU A 245 5.88 5.29 -28.39
CA GLU A 245 5.20 5.86 -29.55
C GLU A 245 4.39 7.07 -29.09
N LEU A 246 3.82 7.00 -27.89
CA LEU A 246 3.03 8.10 -27.33
C LEU A 246 3.97 9.25 -27.04
N ALA A 247 5.09 8.95 -26.40
CA ALA A 247 6.08 9.98 -26.06
C ALA A 247 6.61 10.60 -27.36
N ARG A 248 6.62 9.79 -28.42
CA ARG A 248 7.08 10.22 -29.73
C ARG A 248 6.10 11.26 -30.26
N ILE A 249 4.82 10.90 -30.27
CA ILE A 249 3.77 11.80 -30.74
C ILE A 249 3.80 13.08 -29.91
N MET A 250 3.92 12.93 -28.60
CA MET A 250 3.98 14.06 -27.68
C MET A 250 5.06 15.04 -28.11
N ARG A 251 6.05 14.56 -28.86
CA ARG A 251 7.12 15.44 -29.31
C ARG A 251 6.71 16.24 -30.54
N GLY A 252 5.58 15.88 -31.13
CA GLY A 252 5.10 16.59 -32.30
C GLY A 252 4.59 17.98 -31.94
N VAL A 253 4.94 18.46 -30.75
CA VAL A 253 4.54 19.78 -30.26
C VAL A 253 5.47 20.25 -29.15
N ILE B 1 2.06 -32.99 18.90
CA ILE B 1 2.07 -31.51 19.08
C ILE B 1 3.48 -31.04 19.40
N THR B 2 3.90 -29.93 18.79
CA THR B 2 5.20 -29.33 19.02
C THR B 2 5.10 -27.82 18.83
N ARG B 3 4.76 -27.40 17.62
CA ARG B 3 4.61 -25.97 17.30
C ARG B 3 5.88 -25.14 17.50
N LYS B 4 6.30 -24.48 16.44
CA LYS B 4 7.49 -23.64 16.43
C LYS B 4 7.08 -22.21 16.81
N LEU B 5 7.64 -21.69 17.90
CA LEU B 5 7.31 -20.35 18.34
C LEU B 5 7.64 -19.35 17.24
N ILE B 6 7.03 -18.16 17.30
CA ILE B 6 7.27 -17.11 16.31
C ILE B 6 7.26 -15.71 16.92
N LEU B 7 8.27 -14.93 16.56
CA LEU B 7 8.40 -13.57 17.02
C LEU B 7 8.41 -12.71 15.76
N ALA B 8 7.37 -11.92 15.57
CA ALA B 8 7.26 -11.08 14.40
C ALA B 8 7.23 -9.61 14.73
N GLY B 9 7.90 -8.82 13.89
CA GLY B 9 7.94 -7.38 14.10
C GLY B 9 7.23 -6.58 13.02
N ASN B 10 6.18 -5.89 13.42
CA ASN B 10 5.41 -5.08 12.49
C ASN B 10 5.88 -3.64 12.63
N TRP B 11 6.88 -3.28 11.83
CA TRP B 11 7.43 -1.92 11.88
C TRP B 11 6.36 -0.87 11.65
N LYS B 12 5.38 -1.20 10.82
CA LYS B 12 4.29 -0.28 10.47
C LYS B 12 4.90 0.80 9.57
N MET B 13 4.35 2.01 9.62
CA MET B 13 4.87 3.08 8.76
C MET B 13 6.00 3.82 9.46
N HIS B 14 7.21 3.24 9.49
CA HIS B 14 8.30 3.87 10.21
C HIS B 14 9.72 4.03 9.66
N LYS B 15 10.24 3.08 8.90
CA LYS B 15 11.61 3.28 8.46
C LYS B 15 11.89 3.54 6.98
N THR B 16 13.03 4.20 6.73
CA THR B 16 13.49 4.51 5.38
C THR B 16 14.52 3.47 4.99
N ILE B 17 14.73 3.29 3.70
CA ILE B 17 15.69 2.29 3.24
C ILE B 17 17.02 2.31 3.99
N SER B 18 17.44 3.49 4.42
CA SER B 18 18.70 3.61 5.16
C SER B 18 18.55 3.02 6.56
N GLU B 19 17.72 3.66 7.39
CA GLU B 19 17.48 3.17 8.74
C GLU B 19 17.22 1.67 8.73
N ALA B 20 16.52 1.23 7.70
CA ALA B 20 16.19 -0.18 7.54
C ALA B 20 17.43 -1.04 7.34
N LYS B 21 18.22 -0.74 6.30
CA LYS B 21 19.43 -1.51 5.99
C LYS B 21 20.33 -1.66 7.21
N LYS B 22 20.42 -0.61 8.00
CA LYS B 22 21.24 -0.60 9.21
C LYS B 22 20.71 -1.64 10.19
N PHE B 23 19.57 -1.31 10.79
CA PHE B 23 18.91 -2.16 11.76
C PHE B 23 18.93 -3.65 11.39
N VAL B 24 18.63 -3.95 10.14
CA VAL B 24 18.60 -5.33 9.67
C VAL B 24 19.95 -6.06 9.79
N SER B 25 21.01 -5.43 9.29
CA SER B 25 22.35 -6.02 9.37
C SER B 25 22.68 -6.29 10.84
N LEU B 26 22.45 -5.28 11.67
CA LEU B 26 22.68 -5.39 13.11
C LEU B 26 22.15 -6.75 13.58
N LEU B 27 20.87 -6.98 13.32
CA LEU B 27 20.22 -8.22 13.70
C LEU B 27 20.81 -9.45 13.04
N VAL B 28 20.99 -9.41 11.72
CA VAL B 28 21.53 -10.58 11.03
C VAL B 28 22.69 -11.22 11.79
N ASN B 29 23.43 -10.41 12.53
CA ASN B 29 24.57 -10.90 13.31
C ASN B 29 24.26 -11.18 14.78
N GLU B 30 23.47 -10.31 15.41
CA GLU B 30 23.08 -10.50 16.82
C GLU B 30 22.39 -11.86 16.98
N LEU B 31 21.28 -12.05 16.27
CA LEU B 31 20.54 -13.30 16.34
C LEU B 31 21.04 -14.24 15.24
N HIS B 32 22.31 -14.62 15.32
CA HIS B 32 22.90 -15.48 14.30
C HIS B 32 22.74 -16.97 14.54
N ASP B 33 22.91 -17.41 15.78
CA ASP B 33 22.78 -18.84 16.09
C ASP B 33 21.33 -19.25 16.34
N VAL B 34 20.46 -18.26 16.46
CA VAL B 34 19.04 -18.49 16.72
C VAL B 34 18.35 -19.26 15.59
N LYS B 35 18.12 -20.55 15.81
CA LYS B 35 17.47 -21.41 14.82
C LYS B 35 16.38 -22.30 15.44
N GLU B 36 16.02 -22.03 16.69
CA GLU B 36 15.00 -22.82 17.39
C GLU B 36 13.60 -22.26 17.20
N PHE B 37 13.50 -21.17 16.46
CA PHE B 37 12.22 -20.55 16.18
C PHE B 37 12.38 -19.50 15.10
N GLU B 38 11.31 -18.79 14.77
CA GLU B 38 11.39 -17.81 13.70
C GLU B 38 11.19 -16.37 14.07
N ILE B 39 12.14 -15.55 13.63
CA ILE B 39 12.07 -14.11 13.86
C ILE B 39 11.67 -13.57 12.49
N VAL B 40 10.65 -12.73 12.47
CA VAL B 40 10.17 -12.16 11.22
C VAL B 40 10.17 -10.66 11.31
N VAL B 41 10.74 -10.02 10.30
CA VAL B 41 10.78 -8.57 10.23
C VAL B 41 9.84 -8.13 9.12
N CYS B 42 9.05 -7.09 9.36
CA CYS B 42 8.10 -6.61 8.36
C CYS B 42 8.24 -5.13 8.04
N PRO B 43 9.16 -4.79 7.12
CA PRO B 43 9.38 -3.40 6.72
C PRO B 43 8.35 -2.92 5.70
N PRO B 44 8.26 -1.60 5.48
CA PRO B 44 7.30 -1.03 4.51
C PRO B 44 7.70 -1.45 3.10
N PHE B 45 6.71 -1.55 2.20
CA PHE B 45 6.99 -1.95 0.82
C PHE B 45 8.23 -1.29 0.23
N THR B 46 8.27 0.05 0.32
CA THR B 46 9.37 0.83 -0.21
C THR B 46 10.72 0.21 0.10
N ALA B 47 10.88 -0.30 1.32
CA ALA B 47 12.14 -0.88 1.76
C ALA B 47 12.21 -2.41 1.90
N LEU B 48 11.57 -3.15 1.00
CA LEU B 48 11.64 -4.61 1.11
C LEU B 48 12.79 -5.18 0.33
N SER B 49 12.97 -4.72 -0.89
CA SER B 49 14.05 -5.20 -1.76
C SER B 49 15.42 -5.05 -1.13
N GLU B 50 15.63 -3.93 -0.46
CA GLU B 50 16.91 -3.67 0.18
C GLU B 50 17.13 -4.67 1.31
N VAL B 51 16.22 -4.66 2.29
CA VAL B 51 16.28 -5.58 3.41
C VAL B 51 16.31 -7.00 2.87
N GLY B 52 15.64 -7.18 1.75
CA GLY B 52 15.58 -8.48 1.13
C GLY B 52 16.93 -9.14 0.88
N GLU B 53 17.89 -8.37 0.40
CA GLU B 53 19.21 -8.91 0.14
C GLU B 53 20.05 -9.07 1.41
N ILE B 54 19.76 -8.25 2.41
CA ILE B 54 20.48 -8.33 3.68
C ILE B 54 20.06 -9.61 4.42
N LEU B 55 19.06 -10.31 3.90
CA LEU B 55 18.59 -11.52 4.53
C LEU B 55 18.80 -12.78 3.69
N SER B 56 19.04 -12.60 2.39
CA SER B 56 19.25 -13.72 1.48
C SER B 56 20.25 -14.74 2.01
N GLY B 57 19.75 -15.81 2.62
CA GLY B 57 20.62 -16.83 3.15
C GLY B 57 20.72 -16.82 4.66
N ARG B 58 20.36 -15.71 5.28
CA ARG B 58 20.42 -15.59 6.73
C ARG B 58 19.23 -16.30 7.35
N ASN B 59 19.14 -16.22 8.68
CA ASN B 59 18.06 -16.89 9.41
C ASN B 59 16.77 -16.08 9.52
N ILE B 60 16.88 -14.78 9.78
CA ILE B 60 15.69 -13.94 9.91
C ILE B 60 14.87 -13.92 8.62
N LYS B 61 13.54 -13.94 8.76
CA LYS B 61 12.65 -13.98 7.60
C LYS B 61 11.93 -12.67 7.26
N LEU B 62 11.65 -12.52 5.97
CA LEU B 62 10.98 -11.34 5.42
C LEU B 62 9.46 -11.39 5.48
N GLY B 63 8.84 -10.29 5.89
CA GLY B 63 7.39 -10.25 5.95
C GLY B 63 6.83 -8.91 5.54
N ALA B 64 5.69 -8.91 4.85
CA ALA B 64 5.03 -7.68 4.41
C ALA B 64 3.87 -7.31 5.34
N GLN B 65 3.48 -6.05 5.31
CA GLN B 65 2.40 -5.56 6.18
C GLN B 65 1.01 -5.57 5.53
N ASN B 66 0.93 -6.00 4.28
CA ASN B 66 -0.35 -6.04 3.59
C ASN B 66 -0.15 -6.53 2.16
N VAL B 67 -1.25 -6.97 1.54
CA VAL B 67 -1.23 -7.46 0.16
C VAL B 67 -2.62 -7.34 -0.44
N PHE B 68 -2.71 -7.33 -1.76
CA PHE B 68 -4.01 -7.31 -2.40
C PHE B 68 -4.20 -8.75 -2.84
N TYR B 69 -5.42 -9.19 -3.07
CA TYR B 69 -5.64 -10.58 -3.44
C TYR B 69 -5.47 -11.01 -4.90
N GLU B 70 -5.26 -10.05 -5.80
CA GLU B 70 -5.08 -10.36 -7.22
C GLU B 70 -3.62 -10.43 -7.58
N ASP B 71 -3.31 -10.97 -8.76
CA ASP B 71 -1.92 -11.08 -9.20
C ASP B 71 -1.48 -9.82 -9.90
N GLN B 72 -2.41 -9.15 -10.56
CA GLN B 72 -2.12 -7.93 -11.28
C GLN B 72 -3.42 -7.37 -11.83
N GLY B 73 -3.42 -6.08 -12.15
CA GLY B 73 -4.64 -5.48 -12.67
C GLY B 73 -4.77 -4.00 -12.38
N ALA B 74 -5.94 -3.46 -12.74
CA ALA B 74 -6.24 -2.05 -12.54
C ALA B 74 -6.55 -1.77 -11.07
N PHE B 75 -5.50 -1.68 -10.26
CA PHE B 75 -5.62 -1.41 -8.83
C PHE B 75 -4.47 -0.53 -8.39
N THR B 76 -4.58 0.76 -8.71
CA THR B 76 -3.58 1.76 -8.37
C THR B 76 -3.23 1.76 -6.87
N GLY B 77 -1.92 1.75 -6.59
CA GLY B 77 -1.46 1.77 -5.22
C GLY B 77 -1.37 0.45 -4.48
N GLU B 78 -1.79 -0.64 -5.14
CA GLU B 78 -1.78 -1.95 -4.51
C GLU B 78 -0.61 -2.84 -4.90
N ILE B 79 -0.26 -3.73 -3.97
CA ILE B 79 0.84 -4.68 -4.15
C ILE B 79 0.27 -6.09 -4.34
N SER B 80 0.82 -6.85 -5.28
CA SER B 80 0.33 -8.19 -5.52
C SER B 80 1.20 -9.25 -4.87
N PRO B 81 0.66 -10.46 -4.70
CA PRO B 81 1.38 -11.59 -4.09
C PRO B 81 2.62 -11.93 -4.89
N LEU B 82 2.57 -11.76 -6.21
CA LEU B 82 3.71 -12.06 -7.05
C LEU B 82 4.83 -11.08 -6.80
N MET B 83 4.47 -9.82 -6.56
CA MET B 83 5.48 -8.80 -6.31
C MET B 83 6.24 -9.10 -5.03
N LEU B 84 5.54 -9.64 -4.03
CA LEU B 84 6.13 -9.99 -2.74
C LEU B 84 6.91 -11.29 -2.84
N GLN B 85 6.39 -12.23 -3.61
CA GLN B 85 7.07 -13.51 -3.77
C GLN B 85 8.43 -13.39 -4.46
N GLU B 86 8.57 -12.46 -5.39
CA GLU B 86 9.84 -12.28 -6.08
C GLU B 86 10.92 -11.87 -5.08
N ILE B 87 10.61 -10.83 -4.29
CA ILE B 87 11.54 -10.31 -3.29
C ILE B 87 11.88 -11.33 -2.22
N GLY B 88 11.11 -12.41 -2.14
CA GLY B 88 11.38 -13.43 -1.14
C GLY B 88 10.69 -13.20 0.20
N VAL B 89 9.46 -12.70 0.17
CA VAL B 89 8.70 -12.45 1.39
C VAL B 89 8.09 -13.81 1.77
N GLU B 90 8.08 -14.13 3.06
CA GLU B 90 7.52 -15.41 3.51
C GLU B 90 6.25 -15.23 4.33
N TYR B 91 6.14 -14.10 5.02
CA TYR B 91 4.98 -13.82 5.84
C TYR B 91 4.31 -12.53 5.42
N VAL B 92 2.98 -12.52 5.56
CA VAL B 92 2.19 -11.35 5.23
C VAL B 92 1.16 -11.11 6.31
N ILE B 93 1.21 -9.95 6.95
CA ILE B 93 0.23 -9.64 7.97
C ILE B 93 -1.05 -9.37 7.19
N VAL B 94 -2.16 -9.92 7.65
CA VAL B 94 -3.44 -9.71 6.98
C VAL B 94 -4.52 -9.43 8.00
N GLY B 95 -5.36 -8.43 7.72
CA GLY B 95 -6.44 -8.11 8.64
C GLY B 95 -6.06 -7.34 9.90
N HIS B 96 -5.01 -6.53 9.85
CA HIS B 96 -4.60 -5.76 11.01
C HIS B 96 -5.66 -4.73 11.37
N SER B 97 -5.83 -4.51 12.66
CA SER B 97 -6.81 -3.57 13.19
C SER B 97 -6.82 -2.24 12.48
N GLU B 98 -5.64 -1.67 12.29
CA GLU B 98 -5.52 -0.39 11.61
C GLU B 98 -6.18 -0.43 10.24
N ARG B 99 -5.94 -1.51 9.50
CA ARG B 99 -6.53 -1.64 8.18
C ARG B 99 -8.05 -1.86 8.30
N ARG B 100 -8.48 -2.68 9.24
CA ARG B 100 -9.90 -2.92 9.44
C ARG B 100 -10.62 -1.63 9.87
N ARG B 101 -10.08 -0.95 10.88
CA ARG B 101 -10.70 0.28 11.40
C ARG B 101 -10.54 1.49 10.47
N ILE B 102 -9.29 1.89 10.23
CA ILE B 102 -9.01 3.07 9.43
C ILE B 102 -9.28 2.98 7.93
N PHE B 103 -8.95 1.84 7.31
CA PHE B 103 -9.14 1.67 5.87
C PHE B 103 -10.31 0.78 5.47
N LYS B 104 -11.34 0.75 6.30
CA LYS B 104 -12.54 -0.04 6.08
C LYS B 104 -12.37 -1.38 5.36
N GLU B 105 -11.39 -2.15 5.80
CA GLU B 105 -11.11 -3.46 5.22
C GLU B 105 -12.02 -4.49 5.92
N ASP B 106 -12.94 -5.12 5.18
CA ASP B 106 -13.86 -6.08 5.76
C ASP B 106 -13.42 -7.55 5.74
N ASP B 107 -14.18 -8.39 6.42
CA ASP B 107 -13.89 -9.81 6.53
C ASP B 107 -13.74 -10.53 5.19
N GLU B 108 -14.70 -10.36 4.29
CA GLU B 108 -14.67 -11.00 2.98
C GLU B 108 -13.46 -10.54 2.19
N PHE B 109 -13.07 -9.28 2.39
CA PHE B 109 -11.92 -8.70 1.73
C PHE B 109 -10.68 -9.43 2.29
N ILE B 110 -10.65 -9.56 3.61
CA ILE B 110 -9.54 -10.21 4.29
C ILE B 110 -9.41 -11.70 4.01
N ASN B 111 -10.55 -12.38 3.86
CA ASN B 111 -10.59 -13.81 3.55
C ASN B 111 -9.91 -14.08 2.20
N ARG B 112 -10.17 -13.20 1.24
CA ARG B 112 -9.56 -13.33 -0.08
C ARG B 112 -8.05 -13.15 -0.02
N LYS B 113 -7.58 -12.24 0.84
CA LYS B 113 -6.14 -12.01 0.99
C LYS B 113 -5.50 -13.24 1.64
N VAL B 114 -6.23 -13.90 2.54
CA VAL B 114 -5.70 -15.08 3.21
C VAL B 114 -5.48 -16.20 2.18
N LYS B 115 -6.49 -16.48 1.36
CA LYS B 115 -6.38 -17.52 0.36
C LYS B 115 -5.28 -17.15 -0.60
N ALA B 116 -5.27 -15.89 -1.02
CA ALA B 116 -4.28 -15.40 -1.96
C ALA B 116 -2.88 -15.64 -1.47
N VAL B 117 -2.59 -15.23 -0.23
CA VAL B 117 -1.24 -15.42 0.33
C VAL B 117 -0.88 -16.89 0.30
N LEU B 118 -1.82 -17.76 0.67
CA LEU B 118 -1.59 -19.19 0.69
C LEU B 118 -1.29 -19.76 -0.68
N GLU B 119 -1.99 -19.27 -1.71
CA GLU B 119 -1.77 -19.77 -3.07
C GLU B 119 -0.31 -19.67 -3.51
N LYS B 120 0.36 -18.57 -3.17
CA LYS B 120 1.76 -18.37 -3.55
C LYS B 120 2.75 -19.02 -2.60
N GLY B 121 2.27 -19.86 -1.69
CA GLY B 121 3.15 -20.53 -0.75
C GLY B 121 3.69 -19.61 0.34
N MET B 122 2.92 -18.61 0.74
CA MET B 122 3.37 -17.70 1.80
C MET B 122 2.52 -17.89 3.05
N THR B 123 2.91 -17.30 4.16
CA THR B 123 2.16 -17.47 5.40
C THR B 123 1.32 -16.28 5.83
N PRO B 124 -0.01 -16.47 5.91
CA PRO B 124 -0.87 -15.36 6.33
C PRO B 124 -0.78 -15.25 7.82
N ILE B 125 -0.93 -14.04 8.34
CA ILE B 125 -0.94 -13.83 9.77
C ILE B 125 -2.20 -13.01 9.96
N LEU B 126 -3.29 -13.73 10.22
CA LEU B 126 -4.60 -13.14 10.41
C LEU B 126 -4.72 -12.53 11.79
N CYS B 127 -5.05 -11.25 11.82
CA CYS B 127 -5.20 -10.54 13.09
C CYS B 127 -6.68 -10.47 13.45
N VAL B 128 -6.97 -10.73 14.73
CA VAL B 128 -8.33 -10.69 15.25
C VAL B 128 -8.23 -9.99 16.59
N GLY B 129 -9.32 -9.39 17.07
CA GLY B 129 -9.29 -8.70 18.34
C GLY B 129 -10.53 -7.88 18.61
N GLU B 130 -10.90 -7.74 19.87
CA GLU B 130 -12.09 -6.97 20.23
C GLU B 130 -11.80 -5.51 20.55
N THR B 131 -12.86 -4.75 20.75
CA THR B 131 -12.77 -3.34 21.08
C THR B 131 -13.12 -3.24 22.55
N LEU B 132 -12.80 -2.12 23.17
CA LEU B 132 -13.12 -1.94 24.58
C LEU B 132 -14.62 -2.14 24.74
N GLU B 133 -15.40 -1.40 23.96
CA GLU B 133 -16.85 -1.50 24.02
C GLU B 133 -17.30 -2.94 23.81
N GLU B 134 -16.66 -3.62 22.87
CA GLU B 134 -17.03 -4.99 22.57
C GLU B 134 -16.80 -5.90 23.78
N ARG B 135 -15.65 -5.73 24.43
CA ARG B 135 -15.33 -6.54 25.59
C ARG B 135 -16.27 -6.19 26.75
N GLU B 136 -16.71 -4.93 26.81
CA GLU B 136 -17.61 -4.49 27.87
C GLU B 136 -19.01 -5.06 27.70
N LYS B 137 -19.35 -5.45 26.48
CA LYS B 137 -20.67 -6.03 26.24
C LYS B 137 -20.59 -7.55 26.27
N GLY B 138 -19.39 -8.06 26.51
CA GLY B 138 -19.17 -9.50 26.59
C GLY B 138 -19.10 -10.12 25.22
N LEU B 139 -18.82 -9.29 24.22
CA LEU B 139 -18.74 -9.74 22.85
C LEU B 139 -17.36 -10.18 22.42
N THR B 140 -16.44 -10.31 23.36
CA THR B 140 -15.09 -10.71 23.00
C THR B 140 -15.08 -11.99 22.16
N PHE B 141 -15.66 -13.04 22.71
CA PHE B 141 -15.66 -14.32 22.02
C PHE B 141 -16.38 -14.41 20.68
N CYS B 142 -17.48 -13.70 20.54
CA CYS B 142 -18.20 -13.71 19.26
C CYS B 142 -17.52 -12.80 18.25
N VAL B 143 -16.82 -11.78 18.72
CA VAL B 143 -16.11 -10.90 17.79
C VAL B 143 -14.96 -11.73 17.24
N VAL B 144 -14.24 -12.41 18.12
CA VAL B 144 -13.13 -13.23 17.67
C VAL B 144 -13.60 -14.39 16.81
N GLU B 145 -14.65 -15.08 17.22
CA GLU B 145 -15.16 -16.21 16.45
C GLU B 145 -15.59 -15.79 15.05
N LYS B 146 -16.33 -14.70 14.96
CA LYS B 146 -16.76 -14.22 13.66
C LYS B 146 -15.56 -13.99 12.75
N GLN B 147 -14.53 -13.33 13.27
CA GLN B 147 -13.32 -13.03 12.50
C GLN B 147 -12.55 -14.28 12.13
N VAL B 148 -12.55 -15.29 13.00
CA VAL B 148 -11.82 -16.51 12.69
C VAL B 148 -12.57 -17.34 11.66
N ARG B 149 -13.88 -17.45 11.85
CA ARG B 149 -14.73 -18.20 10.93
C ARG B 149 -14.68 -17.55 9.55
N GLU B 150 -14.83 -16.23 9.51
CA GLU B 150 -14.78 -15.50 8.25
C GLU B 150 -13.43 -15.73 7.58
N GLY B 151 -12.34 -15.41 8.28
CA GLY B 151 -11.02 -15.58 7.71
C GLY B 151 -10.68 -16.97 7.19
N PHE B 152 -11.08 -18.01 7.92
CA PHE B 152 -10.78 -19.39 7.51
C PHE B 152 -11.74 -19.97 6.51
N TYR B 153 -12.92 -19.37 6.39
CA TYR B 153 -13.96 -19.83 5.49
C TYR B 153 -13.41 -20.21 4.11
N GLY B 154 -13.72 -21.42 3.68
CA GLY B 154 -13.25 -21.86 2.39
C GLY B 154 -11.96 -22.65 2.44
N LEU B 155 -11.16 -22.45 3.48
CA LEU B 155 -9.90 -23.18 3.61
C LEU B 155 -10.21 -24.58 4.11
N ASP B 156 -9.26 -25.48 3.94
CA ASP B 156 -9.44 -26.85 4.40
C ASP B 156 -8.33 -27.24 5.35
N LYS B 157 -8.48 -28.39 6.00
CA LYS B 157 -7.52 -28.93 6.96
C LYS B 157 -6.08 -28.60 6.60
N GLU B 158 -5.66 -28.91 5.37
CA GLU B 158 -4.30 -28.65 4.93
C GLU B 158 -3.90 -27.17 4.96
N GLU B 159 -4.65 -26.35 4.24
CA GLU B 159 -4.38 -24.92 4.17
C GLU B 159 -4.50 -24.25 5.53
N ALA B 160 -5.47 -24.71 6.32
CA ALA B 160 -5.73 -24.18 7.64
C ALA B 160 -4.52 -24.27 8.56
N LYS B 161 -3.79 -25.37 8.47
CA LYS B 161 -2.61 -25.55 9.30
C LYS B 161 -1.53 -24.50 9.05
N ARG B 162 -1.43 -24.07 7.80
CA ARG B 162 -0.44 -23.08 7.42
C ARG B 162 -0.75 -21.67 7.91
N VAL B 163 -2.00 -21.40 8.24
CA VAL B 163 -2.36 -20.08 8.72
C VAL B 163 -1.77 -19.82 10.11
N VAL B 164 -1.52 -18.55 10.43
CA VAL B 164 -1.00 -18.17 11.73
C VAL B 164 -1.94 -17.08 12.19
N ILE B 165 -2.50 -17.24 13.38
CA ILE B 165 -3.42 -16.25 13.92
C ILE B 165 -2.68 -15.38 14.92
N ALA B 166 -3.18 -14.16 15.10
CA ALA B 166 -2.56 -13.24 16.03
C ALA B 166 -3.67 -12.50 16.73
N TYR B 167 -3.84 -12.78 18.01
CA TYR B 167 -4.87 -12.12 18.80
C TYR B 167 -4.33 -10.77 19.24
N GLU B 168 -4.94 -9.71 18.77
CA GLU B 168 -4.48 -8.39 19.11
C GLU B 168 -5.62 -7.54 19.65
N PRO B 169 -5.89 -7.63 20.95
CA PRO B 169 -6.97 -6.83 21.54
C PRO B 169 -6.77 -5.37 21.19
N VAL B 170 -7.73 -4.77 20.47
CA VAL B 170 -7.60 -3.38 20.06
C VAL B 170 -7.40 -2.40 21.20
N TRP B 171 -8.04 -2.65 22.34
CA TRP B 171 -7.91 -1.78 23.50
C TRP B 171 -6.51 -1.87 24.11
N ALA B 172 -5.60 -2.55 23.43
CA ALA B 172 -4.25 -2.71 23.92
C ALA B 172 -3.23 -2.44 22.82
N ILE B 173 -3.64 -1.65 21.84
CA ILE B 173 -2.75 -1.31 20.73
C ILE B 173 -2.24 0.12 20.87
N GLY B 174 -0.97 0.24 21.24
CA GLY B 174 -0.36 1.55 21.40
C GLY B 174 -0.88 2.35 22.58
N THR B 175 -1.86 1.79 23.30
CA THR B 175 -2.45 2.45 24.47
C THR B 175 -1.64 2.07 25.70
N GLY B 176 -0.68 1.17 25.51
CA GLY B 176 0.15 0.72 26.61
C GLY B 176 -0.55 -0.33 27.45
N ARG B 177 -1.87 -0.26 27.51
CA ARG B 177 -2.70 -1.18 28.30
C ARG B 177 -2.59 -2.64 27.87
N VAL B 178 -1.39 -3.23 27.98
CA VAL B 178 -1.21 -4.61 27.61
C VAL B 178 -2.21 -5.48 28.36
N ALA B 179 -2.35 -6.72 27.92
CA ALA B 179 -3.29 -7.65 28.55
C ALA B 179 -2.61 -8.60 29.52
N THR B 180 -3.26 -8.83 30.65
CA THR B 180 -2.73 -9.74 31.66
C THR B 180 -2.63 -11.10 30.99
N PRO B 181 -1.60 -11.89 31.33
CA PRO B 181 -1.48 -13.20 30.70
C PRO B 181 -2.72 -14.07 30.88
N GLN B 182 -3.56 -13.70 31.84
CA GLN B 182 -4.79 -14.45 32.08
C GLN B 182 -5.66 -14.21 30.87
N GLN B 183 -6.02 -12.94 30.67
CA GLN B 183 -6.84 -12.52 29.54
C GLN B 183 -6.33 -13.10 28.22
N ALA B 184 -5.06 -12.87 27.93
CA ALA B 184 -4.47 -13.37 26.70
C ALA B 184 -4.75 -14.84 26.58
N GLN B 185 -4.26 -15.61 27.54
CA GLN B 185 -4.45 -17.06 27.52
C GLN B 185 -5.91 -17.48 27.37
N GLU B 186 -6.80 -16.85 28.12
CA GLU B 186 -8.21 -17.21 28.03
C GLU B 186 -8.67 -17.24 26.58
N VAL B 187 -8.51 -16.11 25.89
CA VAL B 187 -8.91 -15.98 24.50
C VAL B 187 -8.16 -16.96 23.59
N HIS B 188 -6.84 -17.02 23.71
CA HIS B 188 -6.07 -17.94 22.88
C HIS B 188 -6.58 -19.37 23.01
N ALA B 189 -7.03 -19.74 24.20
CA ALA B 189 -7.53 -21.09 24.44
C ALA B 189 -8.85 -21.31 23.70
N PHE B 190 -9.67 -20.26 23.67
CA PHE B 190 -10.96 -20.28 22.98
C PHE B 190 -10.73 -20.49 21.48
N ILE B 191 -9.99 -19.54 20.90
CA ILE B 191 -9.65 -19.57 19.49
C ILE B 191 -9.11 -20.95 19.12
N ARG B 192 -8.56 -21.67 20.09
CA ARG B 192 -8.02 -22.97 19.77
C ARG B 192 -9.05 -24.07 19.87
N LYS B 193 -10.05 -23.85 20.73
CA LYS B 193 -11.09 -24.85 20.87
C LYS B 193 -11.94 -24.72 19.63
N LEU B 194 -12.19 -23.48 19.25
CA LEU B 194 -12.98 -23.14 18.06
C LEU B 194 -12.32 -23.81 16.86
N LEU B 195 -11.05 -23.51 16.68
CA LEU B 195 -10.30 -24.09 15.57
C LEU B 195 -10.45 -25.62 15.62
N SER B 196 -10.67 -26.15 16.80
CA SER B 196 -10.80 -27.59 16.94
C SER B 196 -12.11 -28.11 16.34
N GLU B 197 -13.21 -27.43 16.66
CA GLU B 197 -14.52 -27.79 16.16
C GLU B 197 -14.57 -27.56 14.65
N MET B 198 -14.08 -26.40 14.22
CA MET B 198 -14.04 -26.06 12.81
C MET B 198 -13.34 -27.14 12.00
N TYR B 199 -12.18 -27.59 12.46
CA TYR B 199 -11.45 -28.63 11.75
C TYR B 199 -11.27 -29.85 12.65
N ASP B 200 -10.15 -29.95 13.36
CA ASP B 200 -9.94 -31.09 14.24
C ASP B 200 -8.83 -30.82 15.25
N GLU B 201 -8.63 -31.76 16.15
CA GLU B 201 -7.60 -31.61 17.17
C GLU B 201 -6.25 -31.37 16.53
N GLU B 202 -5.87 -32.26 15.63
CA GLU B 202 -4.58 -32.14 14.95
C GLU B 202 -4.36 -30.74 14.41
N THR B 203 -5.32 -30.24 13.66
CA THR B 203 -5.21 -28.91 13.07
C THR B 203 -5.07 -27.81 14.11
N ALA B 204 -5.99 -27.75 15.05
CA ALA B 204 -5.96 -26.71 16.08
C ALA B 204 -4.63 -26.68 16.83
N GLY B 205 -3.91 -27.80 16.81
CA GLY B 205 -2.66 -27.85 17.51
C GLY B 205 -1.49 -27.40 16.66
N SER B 206 -1.71 -27.35 15.35
CA SER B 206 -0.65 -26.95 14.43
C SER B 206 -0.61 -25.45 14.20
N ILE B 207 -1.77 -24.82 14.31
CA ILE B 207 -1.90 -23.39 14.09
C ILE B 207 -1.33 -22.54 15.21
N ARG B 208 -0.31 -21.74 14.90
CA ARG B 208 0.28 -20.87 15.91
C ARG B 208 -0.61 -19.66 16.16
N ILE B 209 -0.85 -19.36 17.43
CA ILE B 209 -1.65 -18.20 17.83
C ILE B 209 -0.75 -17.27 18.65
N LEU B 210 -0.37 -16.15 18.05
CA LEU B 210 0.50 -15.18 18.72
C LEU B 210 -0.31 -14.12 19.42
N TYR B 211 0.29 -13.46 20.39
CA TYR B 211 -0.40 -12.38 21.11
C TYR B 211 0.08 -11.06 20.52
N GLY B 212 -0.66 -9.98 20.72
CA GLY B 212 -0.22 -8.72 20.16
C GLY B 212 -0.52 -7.43 20.87
N GLY B 213 -0.99 -7.46 22.11
CA GLY B 213 -1.27 -6.22 22.83
C GLY B 213 -0.12 -5.22 22.79
N SER B 214 0.55 -4.98 23.91
CA SER B 214 1.68 -4.05 23.93
C SER B 214 2.93 -4.78 24.38
N ILE B 215 3.26 -5.85 23.67
CA ILE B 215 4.43 -6.65 24.00
C ILE B 215 5.69 -5.83 24.25
N LYS B 216 6.07 -5.70 25.53
CA LYS B 216 7.27 -4.99 25.91
C LYS B 216 8.31 -6.03 26.32
N PRO B 217 9.60 -5.65 26.43
CA PRO B 217 10.64 -6.61 26.81
C PRO B 217 10.50 -7.20 28.22
N ASP B 218 9.78 -6.51 29.10
CA ASP B 218 9.59 -6.98 30.46
C ASP B 218 8.44 -7.97 30.64
N ASN B 219 7.25 -7.60 30.16
CA ASN B 219 6.07 -8.44 30.28
C ASN B 219 6.06 -9.64 29.34
N PHE B 220 6.74 -9.52 28.22
CA PHE B 220 6.75 -10.62 27.26
C PHE B 220 7.01 -12.01 27.85
N LEU B 221 7.76 -12.08 28.94
CA LEU B 221 8.07 -13.38 29.56
C LEU B 221 6.80 -13.98 30.18
N GLY B 222 5.95 -13.13 30.72
CA GLY B 222 4.72 -13.60 31.34
C GLY B 222 3.66 -14.05 30.35
N LEU B 223 3.93 -13.91 29.06
CA LEU B 223 2.98 -14.31 28.04
C LEU B 223 3.44 -15.57 27.31
N ILE B 224 4.63 -15.56 26.74
CA ILE B 224 5.10 -16.74 26.03
C ILE B 224 5.11 -18.00 26.86
N VAL B 225 5.04 -17.83 28.18
CA VAL B 225 5.03 -18.96 29.10
C VAL B 225 3.69 -19.69 29.06
N GLN B 226 2.62 -18.89 28.90
CA GLN B 226 1.25 -19.39 28.83
C GLN B 226 1.12 -20.58 27.92
N LYS B 227 0.07 -21.37 28.16
CA LYS B 227 -0.16 -22.59 27.40
C LYS B 227 -0.48 -22.38 25.92
N ASP B 228 -1.41 -21.46 25.63
CA ASP B 228 -1.82 -21.23 24.26
C ASP B 228 -1.31 -19.95 23.59
N ILE B 229 -0.09 -19.56 23.90
CA ILE B 229 0.50 -18.38 23.28
C ILE B 229 1.79 -18.84 22.65
N ASP B 230 1.81 -18.89 21.32
CA ASP B 230 2.96 -19.38 20.58
C ASP B 230 4.00 -18.37 20.12
N GLY B 231 3.80 -17.09 20.47
CA GLY B 231 4.73 -16.07 20.05
C GLY B 231 4.11 -14.70 20.13
N GLY B 232 4.71 -13.74 19.45
CA GLY B 232 4.17 -12.39 19.51
C GLY B 232 4.27 -11.59 18.23
N LEU B 233 3.28 -10.73 18.03
CA LEU B 233 3.21 -9.85 16.88
C LEU B 233 3.54 -8.50 17.54
N VAL B 234 4.82 -8.14 17.43
CA VAL B 234 5.34 -6.92 18.04
C VAL B 234 5.28 -5.66 17.19
N GLY B 235 4.81 -4.58 17.81
CA GLY B 235 4.72 -3.30 17.13
C GLY B 235 5.95 -2.44 17.39
N GLY B 236 5.83 -1.45 18.28
CA GLY B 236 6.95 -0.57 18.59
C GLY B 236 8.29 -1.25 18.85
N ALA B 237 8.31 -2.13 19.85
CA ALA B 237 9.51 -2.85 20.23
C ALA B 237 10.26 -3.51 19.08
N SER B 238 9.60 -3.68 17.95
CA SER B 238 10.25 -4.30 16.80
C SER B 238 11.15 -3.29 16.10
N LEU B 239 11.02 -2.02 16.51
CA LEU B 239 11.80 -0.92 15.94
C LEU B 239 13.20 -0.78 16.54
N LYS B 240 13.25 -0.69 17.88
CA LYS B 240 14.49 -0.55 18.64
C LYS B 240 15.24 -1.88 18.72
N GLU B 241 16.27 -1.95 19.58
CA GLU B 241 17.03 -3.19 19.75
C GLU B 241 16.32 -4.06 20.77
N SER B 242 15.35 -3.46 21.47
CA SER B 242 14.58 -4.18 22.48
C SER B 242 13.99 -5.42 21.81
N PHE B 243 13.86 -5.34 20.48
CA PHE B 243 13.35 -6.45 19.70
C PHE B 243 14.34 -7.60 19.88
N ILE B 244 15.63 -7.28 19.84
CA ILE B 244 16.68 -8.28 20.00
C ILE B 244 16.65 -8.86 21.42
N GLU B 245 16.07 -8.11 22.33
CA GLU B 245 15.94 -8.52 23.73
C GLU B 245 14.85 -9.60 23.76
N LEU B 246 13.67 -9.22 23.29
CA LEU B 246 12.52 -10.12 23.24
C LEU B 246 12.96 -11.44 22.62
N ALA B 247 13.70 -11.35 21.52
CA ALA B 247 14.18 -12.54 20.83
C ALA B 247 15.00 -13.39 21.77
N ARG B 248 15.68 -12.73 22.71
CA ARG B 248 16.53 -13.42 23.69
C ARG B 248 15.62 -14.19 24.64
N ILE B 249 14.67 -13.46 25.24
CA ILE B 249 13.70 -14.02 26.17
C ILE B 249 13.07 -15.30 25.61
N MET B 250 12.51 -15.20 24.41
CA MET B 250 11.88 -16.34 23.77
C MET B 250 12.81 -17.55 23.66
N ARG B 251 14.10 -17.30 23.55
CA ARG B 251 15.07 -18.38 23.42
C ARG B 251 15.20 -19.16 24.73
N GLY B 252 14.88 -18.48 25.83
CA GLY B 252 14.96 -19.11 27.14
C GLY B 252 13.67 -19.76 27.53
N VAL B 253 13.06 -20.47 26.58
CA VAL B 253 11.80 -21.16 26.81
C VAL B 253 11.76 -22.30 25.84
N ILE B 254 12.92 -22.60 25.27
CA ILE B 254 13.03 -23.68 24.30
C ILE B 254 14.26 -24.53 24.60
N SER B 255 14.22 -25.79 24.18
CA SER B 255 15.33 -26.70 24.40
C SER B 255 15.19 -27.96 23.55
S SO4 C . -6.52 2.52 -19.52
O1 SO4 C . -6.58 1.30 -20.35
O2 SO4 C . -5.62 3.50 -20.16
O3 SO4 C . -6.00 2.22 -18.18
O4 SO4 C . -7.87 3.09 -19.40
S SO4 D . 2.06 -1.51 20.27
O1 SO4 D . 0.63 -1.64 19.95
O2 SO4 D . 2.61 -0.34 19.55
O3 SO4 D . 2.79 -2.72 19.82
O4 SO4 D . 2.21 -1.33 21.72
#